data_3TFX
#
_entry.id   3TFX
#
_cell.length_a   130.396
_cell.length_b   68.170
_cell.length_c   63.930
_cell.angle_alpha   90.00
_cell.angle_beta   106.31
_cell.angle_gamma   90.00
#
_symmetry.space_group_name_H-M   'C 1 2 1'
#
loop_
_entity.id
_entity.type
_entity.pdbx_description
1 polymer "Orotidine 5'-phosphate decarboxylase"
2 water water
#
_entity_poly.entity_id   1
_entity_poly.type   'polypeptide(L)'
_entity_poly.pdbx_seq_one_letter_code
;(MSE)V(MSE)DRPVIVALDLDNEEQLNKILSKLGDPHDVFVKVG(MSE)ELFYNAGIDVIKKLTQQGYKIFLDLK
(MSE)HDIPNTVYNGAKALAKLGITFTTVHALGGSQ(MSE)IKSAKDGLIAGTPAGHSVPKLLAVTELTSISDDVLRNEQ
NCRLP(MSE)AEQVLSLAK(MSE)AKHSGADGVICSPLEVKKLHENIGDDFLYVTPGIRPAGNAKDDQSRVATPK(MSE)
AKEWGSSAIVVGRPITLASDPKAAYEAIKKEFNAENLYFQSHHHHHHWSHPQFEK
;
_entity_poly.pdbx_strand_id   A,B
#
# COMPACT_ATOMS: atom_id res chain seq x y z
N ASP A 4 -19.57 18.34 -13.71
CA ASP A 4 -18.42 18.74 -12.86
C ASP A 4 -18.00 17.60 -11.92
N ARG A 5 -18.95 16.89 -11.31
CA ARG A 5 -18.65 15.75 -10.43
C ARG A 5 -18.25 14.50 -11.23
N PRO A 6 -17.11 13.88 -10.89
CA PRO A 6 -16.56 12.77 -11.68
C PRO A 6 -17.24 11.41 -11.44
N VAL A 7 -17.33 10.62 -12.50
CA VAL A 7 -17.66 9.19 -12.39
C VAL A 7 -16.38 8.44 -12.76
N ILE A 8 -15.88 7.60 -11.85
CA ILE A 8 -14.59 6.93 -12.04
C ILE A 8 -14.81 5.44 -12.34
N VAL A 9 -14.25 4.94 -13.44
CA VAL A 9 -14.46 3.54 -13.79
C VAL A 9 -13.44 2.61 -13.12
N ALA A 10 -13.92 1.69 -12.27
CA ALA A 10 -13.03 0.76 -11.59
C ALA A 10 -12.63 -0.37 -12.52
N LEU A 11 -11.33 -0.44 -12.82
CA LEU A 11 -10.79 -1.46 -13.68
C LEU A 11 -10.07 -2.50 -12.85
N ASP A 12 -10.66 -3.68 -12.78
CA ASP A 12 -10.11 -4.81 -12.05
C ASP A 12 -9.59 -5.80 -13.10
N LEU A 13 -8.35 -5.60 -13.52
CA LEU A 13 -7.68 -6.44 -14.50
C LEU A 13 -6.18 -6.41 -14.24
N ASP A 14 -5.44 -7.39 -14.76
CA ASP A 14 -4.03 -7.57 -14.40
C ASP A 14 -3.05 -7.46 -15.57
N ASN A 15 -3.53 -6.96 -16.71
CA ASN A 15 -2.70 -6.89 -17.91
C ASN A 15 -3.08 -5.75 -18.84
N GLU A 16 -2.05 -5.12 -19.41
CA GLU A 16 -2.17 -3.97 -20.29
C GLU A 16 -3.06 -4.18 -21.54
N GLU A 17 -3.10 -5.41 -22.05
CA GLU A 17 -3.90 -5.76 -23.22
C GLU A 17 -5.42 -5.74 -22.96
N GLN A 18 -5.81 -6.25 -21.79
CA GLN A 18 -7.20 -6.17 -21.35
C GLN A 18 -7.56 -4.71 -21.02
N LEU A 19 -6.58 -3.96 -20.53
CA LEU A 19 -6.77 -2.54 -20.16
C LEU A 19 -7.08 -1.71 -21.40
N ASN A 20 -6.28 -1.91 -22.42
CA ASN A 20 -6.43 -1.18 -23.67
C ASN A 20 -7.76 -1.48 -24.37
N LYS A 21 -8.26 -2.69 -24.22
CA LYS A 21 -9.56 -3.06 -24.79
C LYS A 21 -10.75 -2.39 -24.09
N ILE A 22 -10.82 -2.44 -22.76
CA ILE A 22 -11.90 -1.73 -22.05
C ILE A 22 -11.84 -0.22 -22.30
N LEU A 23 -10.62 0.34 -22.27
CA LEU A 23 -10.42 1.77 -22.50
C LEU A 23 -10.90 2.22 -23.88
N SER A 24 -10.65 1.41 -24.90
CA SER A 24 -11.12 1.71 -26.26
C SER A 24 -12.65 1.85 -26.35
N LYS A 25 -13.35 1.33 -25.34
CA LYS A 25 -14.80 1.37 -25.33
C LYS A 25 -15.40 2.42 -24.39
N LEU A 26 -14.57 3.27 -23.78
CA LEU A 26 -15.05 4.19 -22.75
C LEU A 26 -15.25 5.60 -23.28
N GLY A 27 -14.66 5.86 -24.43
CA GLY A 27 -14.82 7.15 -25.09
C GLY A 27 -13.51 7.84 -25.31
N ASP A 28 -13.58 9.16 -25.49
CA ASP A 28 -12.40 9.98 -25.71
C ASP A 28 -11.65 10.06 -24.37
N PRO A 29 -10.31 9.90 -24.41
CA PRO A 29 -9.52 9.86 -23.18
C PRO A 29 -9.80 11.02 -22.23
N HIS A 30 -10.01 12.22 -22.77
CA HIS A 30 -10.28 13.40 -21.96
C HIS A 30 -11.62 13.39 -21.23
N ASP A 31 -12.46 12.41 -21.58
CA ASP A 31 -13.74 12.23 -20.93
C ASP A 31 -13.73 11.02 -19.98
N VAL A 32 -12.58 10.38 -19.80
CA VAL A 32 -12.57 9.17 -19.00
C VAL A 32 -11.63 9.20 -17.80
N PHE A 33 -12.20 8.72 -16.68
CA PHE A 33 -11.56 8.76 -15.38
C PHE A 33 -11.64 7.32 -14.90
N VAL A 34 -10.49 6.68 -14.73
CA VAL A 34 -10.48 5.28 -14.29
C VAL A 34 -9.76 5.08 -12.96
N LYS A 35 -10.09 3.97 -12.29
CA LYS A 35 -9.40 3.57 -11.07
C LYS A 35 -8.68 2.25 -11.27
N VAL A 36 -7.38 2.25 -11.01
CA VAL A 36 -6.58 1.01 -10.94
C VAL A 36 -5.87 0.87 -9.59
N GLY A 37 -5.73 -0.36 -9.16
CA GLY A 37 -5.18 -0.64 -7.86
C GLY A 37 -3.93 -1.48 -8.00
N GLU A 39 -3.65 -4.72 -8.33
CA GLU A 39 -3.81 -5.74 -9.35
C GLU A 39 -3.16 -5.34 -10.67
N LEU A 40 -3.50 -4.15 -11.19
CA LEU A 40 -2.89 -3.68 -12.42
C LEU A 40 -1.49 -3.09 -12.24
N PHE A 41 -1.36 -2.12 -11.33
CA PHE A 41 -0.09 -1.40 -11.15
C PHE A 41 1.11 -2.31 -10.85
N TYR A 42 0.93 -3.31 -10.00
CA TYR A 42 2.04 -4.23 -9.65
C TYR A 42 2.40 -5.22 -10.77
N ASN A 43 1.50 -5.37 -11.75
CA ASN A 43 1.83 -6.08 -13.01
C ASN A 43 2.40 -5.17 -14.10
N ALA A 44 1.78 -4.00 -14.31
CA ALA A 44 2.14 -3.15 -15.45
C ALA A 44 3.22 -2.08 -15.14
N GLY A 45 3.13 -1.48 -13.96
CA GLY A 45 4.13 -0.49 -13.50
C GLY A 45 3.90 0.93 -13.96
N ILE A 46 4.93 1.75 -13.80
CA ILE A 46 4.80 3.21 -13.96
C ILE A 46 4.68 3.70 -15.39
N ASP A 47 5.36 3.03 -16.34
CA ASP A 47 5.30 3.44 -17.75
C ASP A 47 3.89 3.43 -18.30
N VAL A 48 3.12 2.41 -17.92
CA VAL A 48 1.74 2.28 -18.35
C VAL A 48 0.88 3.43 -17.83
N ILE A 49 1.08 3.82 -16.59
CA ILE A 49 0.34 4.96 -16.05
C ILE A 49 0.76 6.27 -16.73
N LYS A 50 2.05 6.53 -16.80
CA LYS A 50 2.56 7.71 -17.53
C LYS A 50 1.99 7.80 -18.97
N LYS A 51 2.03 6.69 -19.69
CA LYS A 51 1.46 6.58 -21.04
C LYS A 51 -0.01 7.05 -21.04
N LEU A 52 -0.80 6.47 -20.15
CA LEU A 52 -2.22 6.81 -20.03
C LEU A 52 -2.50 8.27 -19.69
N THR A 53 -1.73 8.87 -18.79
CA THR A 53 -2.07 10.24 -18.36
C THR A 53 -1.66 11.27 -19.40
N GLN A 54 -0.60 10.94 -20.15
CA GLN A 54 -0.13 11.77 -21.25
C GLN A 54 -1.17 11.90 -22.35
N GLN A 55 -1.89 10.80 -22.61
CA GLN A 55 -3.06 10.79 -23.48
C GLN A 55 -4.26 11.58 -22.93
N GLY A 56 -4.20 11.97 -21.66
CA GLY A 56 -5.30 12.73 -21.08
C GLY A 56 -6.28 11.96 -20.19
N TYR A 57 -6.05 10.66 -19.99
CA TYR A 57 -6.85 9.90 -19.02
C TYR A 57 -6.64 10.46 -17.61
N LYS A 58 -7.73 10.56 -16.85
CA LYS A 58 -7.62 10.86 -15.43
C LYS A 58 -7.57 9.51 -14.70
N ILE A 59 -6.58 9.34 -13.83
CA ILE A 59 -6.40 8.08 -13.09
C ILE A 59 -6.47 8.28 -11.59
N PHE A 60 -7.33 7.48 -10.95
CA PHE A 60 -7.33 7.30 -9.51
C PHE A 60 -6.41 6.12 -9.29
N LEU A 61 -5.16 6.39 -8.88
CA LEU A 61 -4.22 5.32 -8.56
C LEU A 61 -4.33 4.92 -7.09
N ASP A 62 -4.96 3.77 -6.87
CA ASP A 62 -5.46 3.38 -5.56
C ASP A 62 -4.57 2.29 -4.94
N LEU A 63 -3.47 2.73 -4.33
CA LEU A 63 -2.45 1.85 -3.75
C LEU A 63 -2.43 1.85 -2.22
N LYS A 64 -3.25 2.71 -1.60
CA LYS A 64 -3.45 2.74 -0.12
C LYS A 64 -2.13 2.73 0.68
N HIS A 66 0.70 2.76 3.18
CA HIS A 66 0.70 2.64 4.63
C HIS A 66 2.10 2.23 5.16
N ASP A 67 2.89 3.23 5.50
CA ASP A 67 4.29 3.06 5.89
C ASP A 67 4.66 4.30 6.74
N ILE A 68 5.92 4.41 7.15
CA ILE A 68 6.37 5.55 7.98
C ILE A 68 6.35 6.85 7.16
N PRO A 69 6.18 8.02 7.82
CA PRO A 69 6.02 9.27 7.09
C PRO A 69 7.06 9.53 5.99
N ASN A 70 8.35 9.32 6.28
CA ASN A 70 9.38 9.61 5.26
C ASN A 70 9.26 8.74 4.00
N THR A 71 8.90 7.48 4.18
CA THR A 71 8.78 6.55 3.04
C THR A 71 7.55 6.91 2.21
N VAL A 72 6.47 7.30 2.88
CA VAL A 72 5.24 7.68 2.18
C VAL A 72 5.44 9.00 1.45
N TYR A 73 6.21 9.90 2.05
CA TYR A 73 6.59 11.13 1.35
C TYR A 73 7.15 10.79 -0.02
N ASN A 74 8.10 9.85 -0.04
CA ASN A 74 8.80 9.50 -1.26
C ASN A 74 7.98 8.66 -2.21
N GLY A 75 7.16 7.76 -1.64
CA GLY A 75 6.18 6.99 -2.46
C GLY A 75 5.21 7.92 -3.15
N ALA A 76 4.65 8.86 -2.38
CA ALA A 76 3.65 9.80 -2.90
C ALA A 76 4.26 10.71 -3.96
N LYS A 77 5.49 11.17 -3.71
CA LYS A 77 6.23 11.99 -4.68
C LYS A 77 6.43 11.25 -6.01
N ALA A 78 6.83 9.99 -5.90
CA ALA A 78 6.98 9.12 -7.06
C ALA A 78 5.67 9.02 -7.85
N LEU A 79 4.55 8.88 -7.16
CA LEU A 79 3.24 8.78 -7.83
C LEU A 79 2.77 10.07 -8.52
N ALA A 80 3.09 11.24 -7.93
CA ALA A 80 2.70 12.52 -8.53
C ALA A 80 3.44 12.79 -9.85
N LYS A 81 4.61 12.19 -10.03
CA LYS A 81 5.38 12.31 -11.28
C LYS A 81 4.64 11.64 -12.44
N LEU A 82 3.75 10.69 -12.12
CA LEU A 82 3.01 9.93 -13.15
C LEU A 82 1.81 10.68 -13.72
N GLY A 83 1.45 11.81 -13.11
CA GLY A 83 0.34 12.63 -13.60
C GLY A 83 -1.05 12.09 -13.26
N ILE A 84 -1.16 11.39 -12.11
CA ILE A 84 -2.46 10.87 -11.65
C ILE A 84 -3.29 11.99 -10.98
N THR A 85 -4.56 11.70 -10.70
CA THR A 85 -5.51 12.69 -10.22
C THR A 85 -5.90 12.46 -8.74
N PHE A 86 -6.20 11.21 -8.39
CA PHE A 86 -6.53 10.82 -7.01
C PHE A 86 -5.59 9.69 -6.62
N THR A 87 -5.22 9.65 -5.35
CA THR A 87 -4.48 8.53 -4.79
C THR A 87 -4.85 8.34 -3.30
N THR A 88 -4.66 7.13 -2.78
CA THR A 88 -5.04 6.80 -1.40
C THR A 88 -3.88 6.52 -0.42
N VAL A 89 -4.14 6.81 0.85
CA VAL A 89 -3.32 6.40 2.00
C VAL A 89 -4.22 5.88 3.12
N HIS A 90 -3.66 5.06 4.01
CA HIS A 90 -4.34 4.65 5.24
C HIS A 90 -4.27 5.70 6.34
N ALA A 91 -5.44 6.15 6.81
CA ALA A 91 -5.54 7.02 7.98
C ALA A 91 -4.98 6.33 9.22
N LEU A 92 -5.13 5.01 9.28
CA LEU A 92 -4.52 4.19 10.33
C LEU A 92 -3.00 4.40 10.47
N GLY A 93 -2.36 4.86 9.38
CA GLY A 93 -0.94 5.23 9.40
C GLY A 93 -0.62 6.48 10.22
N GLY A 94 -1.66 7.23 10.59
CA GLY A 94 -1.50 8.35 11.48
C GLY A 94 -1.35 9.72 10.82
N SER A 95 -1.48 10.73 11.67
CA SER A 95 -1.50 12.14 11.27
C SER A 95 -0.28 12.62 10.48
N GLN A 96 0.92 12.32 10.98
CA GLN A 96 2.14 12.78 10.33
C GLN A 96 2.33 12.13 8.95
N ILE A 98 -0.01 11.20 6.91
CA ILE A 98 -0.92 11.84 5.96
C ILE A 98 -0.33 13.17 5.49
N LYS A 99 0.17 13.98 6.44
CA LYS A 99 0.82 15.26 6.09
C LYS A 99 2.00 15.05 5.14
N SER A 100 2.81 14.03 5.42
CA SER A 100 3.99 13.75 4.57
C SER A 100 3.57 13.31 3.17
N ALA A 101 2.49 12.53 3.10
CA ALA A 101 1.95 12.08 1.83
C ALA A 101 1.57 13.26 0.95
N LYS A 102 0.88 14.24 1.54
CA LYS A 102 0.48 15.42 0.80
C LYS A 102 1.68 16.26 0.37
N ASP A 103 2.67 16.42 1.26
CA ASP A 103 3.92 17.13 0.93
C ASP A 103 4.68 16.45 -0.19
N GLY A 104 4.71 15.12 -0.14
CA GLY A 104 5.28 14.32 -1.23
C GLY A 104 4.55 14.54 -2.55
N LEU A 105 3.22 14.52 -2.51
CA LEU A 105 2.39 14.80 -3.69
C LEU A 105 2.75 16.17 -4.30
N ILE A 106 2.82 17.19 -3.46
CA ILE A 106 3.22 18.55 -3.87
C ILE A 106 4.62 18.59 -4.53
N ALA A 107 5.58 17.92 -3.91
CA ALA A 107 6.97 17.89 -4.41
C ALA A 107 7.09 17.16 -5.75
N GLY A 108 6.27 16.16 -5.98
CA GLY A 108 6.35 15.37 -7.19
C GLY A 108 5.53 15.85 -8.38
N THR A 109 4.67 16.85 -8.15
CA THR A 109 3.83 17.37 -9.24
C THR A 109 4.63 18.26 -10.18
N PRO A 110 4.63 17.93 -11.49
CA PRO A 110 5.26 18.80 -12.50
C PRO A 110 4.61 20.18 -12.51
N ALA A 111 5.42 21.21 -12.72
CA ALA A 111 4.92 22.59 -12.75
C ALA A 111 3.84 22.72 -13.82
N GLY A 112 2.86 23.56 -13.54
CA GLY A 112 1.71 23.72 -14.43
C GLY A 112 0.63 22.74 -14.09
N HIS A 113 1.00 21.48 -13.88
CA HIS A 113 0.08 20.40 -13.54
C HIS A 113 -0.61 20.58 -12.18
N SER A 114 -1.74 19.90 -12.02
CA SER A 114 -2.51 19.99 -10.80
C SER A 114 -2.05 18.91 -9.79
N VAL A 115 -1.89 19.30 -8.51
CA VAL A 115 -1.47 18.37 -7.46
C VAL A 115 -2.56 17.30 -7.25
N PRO A 116 -2.18 16.02 -7.31
CA PRO A 116 -3.14 14.95 -7.08
C PRO A 116 -3.89 15.13 -5.76
N LYS A 117 -5.14 14.71 -5.72
CA LYS A 117 -5.93 14.79 -4.49
C LYS A 117 -5.59 13.58 -3.61
N LEU A 118 -5.35 13.83 -2.32
CA LEU A 118 -4.99 12.77 -1.38
C LEU A 118 -6.24 12.30 -0.66
N LEU A 119 -6.57 11.04 -0.81
CA LEU A 119 -7.77 10.51 -0.17
C LEU A 119 -7.39 9.53 0.91
N ALA A 120 -8.02 9.64 2.06
CA ALA A 120 -7.75 8.74 3.18
C ALA A 120 -8.71 7.58 3.18
N VAL A 121 -8.15 6.39 3.31
CA VAL A 121 -8.92 5.23 3.63
C VAL A 121 -9.06 5.20 5.13
N THR A 122 -10.23 4.76 5.56
CA THR A 122 -10.61 4.84 6.93
C THR A 122 -10.55 3.39 7.46
N GLU A 123 -11.69 2.70 7.50
CA GLU A 123 -11.70 1.27 7.74
C GLU A 123 -12.14 0.61 6.47
N LEU A 124 -11.39 -0.38 6.01
CA LEU A 124 -11.73 -1.10 4.79
C LEU A 124 -13.07 -1.82 4.97
N THR A 125 -13.82 -1.99 3.86
CA THR A 125 -15.10 -2.72 3.92
C THR A 125 -14.87 -4.16 4.36
N SER A 126 -13.63 -4.62 4.26
CA SER A 126 -13.28 -6.00 4.65
C SER A 126 -13.21 -6.17 6.16
N ILE A 127 -13.10 -5.06 6.88
CA ILE A 127 -13.13 -5.06 8.33
C ILE A 127 -14.59 -4.99 8.79
N SER A 128 -15.10 -6.10 9.31
CA SER A 128 -16.41 -6.12 9.95
C SER A 128 -16.27 -5.62 11.39
N ASP A 129 -17.40 -5.46 12.07
CA ASP A 129 -17.41 -5.07 13.49
C ASP A 129 -16.58 -6.00 14.38
N ASP A 130 -16.66 -7.31 14.14
CA ASP A 130 -15.88 -8.32 14.86
C ASP A 130 -14.38 -8.22 14.55
N VAL A 131 -14.04 -8.03 13.28
CA VAL A 131 -12.64 -7.84 12.88
C VAL A 131 -12.09 -6.54 13.51
N LEU A 132 -12.92 -5.49 13.49
CA LEU A 132 -12.54 -4.21 14.10
C LEU A 132 -12.25 -4.38 15.59
N ARG A 133 -13.12 -5.14 16.27
CA ARG A 133 -13.03 -5.34 17.72
C ARG A 133 -11.92 -6.32 18.10
N ASN A 134 -11.87 -7.47 17.44
CA ASN A 134 -11.09 -8.61 17.93
C ASN A 134 -9.84 -8.98 17.13
N GLU A 135 -9.61 -8.33 16.00
CA GLU A 135 -8.38 -8.54 15.21
C GLU A 135 -7.52 -7.28 15.21
N GLN A 136 -8.05 -6.23 14.58
CA GLN A 136 -7.62 -4.85 14.88
C GLN A 136 -8.19 -4.68 16.28
N ASN A 137 -7.39 -4.18 17.22
CA ASN A 137 -7.95 -4.08 18.56
C ASN A 137 -8.46 -2.66 18.85
N CYS A 138 -9.45 -2.23 18.07
CA CYS A 138 -10.03 -0.91 18.23
C CYS A 138 -10.91 -0.83 19.48
N ARG A 139 -10.81 0.28 20.19
CA ARG A 139 -11.66 0.51 21.35
C ARG A 139 -12.94 1.27 21.02
N LEU A 140 -13.07 1.74 19.77
CA LEU A 140 -14.28 2.44 19.33
C LEU A 140 -15.17 1.59 18.40
N PRO A 141 -16.51 1.73 18.50
CA PRO A 141 -17.38 1.12 17.49
C PRO A 141 -17.17 1.76 16.12
N ALA A 143 -18.73 3.38 13.56
CA ALA A 143 -19.12 4.71 13.11
C ALA A 143 -18.29 5.81 13.75
N GLU A 144 -17.94 5.60 15.02
CA GLU A 144 -17.10 6.53 15.76
C GLU A 144 -15.66 6.51 15.27
N GLN A 145 -15.16 5.31 14.96
CA GLN A 145 -13.79 5.12 14.48
C GLN A 145 -13.62 5.74 13.09
N VAL A 146 -14.61 5.51 12.25
CA VAL A 146 -14.63 6.06 10.89
C VAL A 146 -14.60 7.59 10.90
N LEU A 147 -15.48 8.20 11.70
CA LEU A 147 -15.53 9.66 11.80
C LEU A 147 -14.22 10.24 12.36
N SER A 148 -13.67 9.59 13.38
CA SER A 148 -12.40 10.01 13.99
C SER A 148 -11.22 9.98 12.99
N LEU A 149 -11.11 8.89 12.24
CA LEU A 149 -10.10 8.78 11.18
C LEU A 149 -10.32 9.84 10.09
N ALA A 150 -11.57 10.04 9.69
CA ALA A 150 -11.88 11.04 8.67
C ALA A 150 -11.53 12.46 9.11
N LYS A 151 -11.97 12.86 10.31
CA LYS A 151 -11.67 14.19 10.85
C LYS A 151 -10.16 14.44 10.91
N ALA A 153 -7.82 12.96 9.17
CA ALA A 153 -7.33 13.09 7.80
C ALA A 153 -7.51 14.50 7.27
N LYS A 154 -8.72 15.04 7.43
CA LYS A 154 -8.98 16.45 7.10
C LYS A 154 -7.99 17.40 7.79
N HIS A 155 -7.77 17.22 9.09
CA HIS A 155 -6.81 18.08 9.81
C HIS A 155 -5.35 17.80 9.49
N SER A 156 -5.09 16.76 8.69
CA SER A 156 -3.73 16.37 8.37
C SER A 156 -3.34 16.55 6.89
N GLY A 157 -4.07 17.34 6.14
CA GLY A 157 -3.76 17.56 4.72
C GLY A 157 -4.42 16.66 3.68
N ALA A 158 -5.25 15.72 4.10
CA ALA A 158 -6.00 14.92 3.11
C ALA A 158 -7.05 15.79 2.42
N ASP A 159 -7.26 15.56 1.14
CA ASP A 159 -8.28 16.31 0.41
C ASP A 159 -9.66 15.66 0.47
N GLY A 160 -9.70 14.41 0.91
CA GLY A 160 -10.96 13.69 0.97
C GLY A 160 -10.82 12.34 1.62
N VAL A 161 -11.93 11.60 1.67
CA VAL A 161 -11.95 10.23 2.17
C VAL A 161 -12.71 9.29 1.22
N ILE A 162 -12.39 8.00 1.30
CA ILE A 162 -13.22 6.96 0.70
C ILE A 162 -14.22 6.57 1.77
N CYS A 163 -15.51 6.67 1.46
CA CYS A 163 -16.56 6.25 2.38
C CYS A 163 -17.70 5.63 1.59
N SER A 164 -18.62 4.98 2.29
CA SER A 164 -19.80 4.43 1.65
C SER A 164 -20.80 5.57 1.42
N PRO A 165 -21.66 5.46 0.40
CA PRO A 165 -22.69 6.45 0.15
C PRO A 165 -23.48 6.85 1.40
N LEU A 166 -23.80 5.88 2.25
CA LEU A 166 -24.58 6.11 3.45
C LEU A 166 -23.85 6.89 4.54
N GLU A 167 -22.51 6.83 4.52
CA GLU A 167 -21.69 7.49 5.52
C GLU A 167 -21.53 8.99 5.26
N VAL A 168 -21.80 9.43 4.03
CA VAL A 168 -21.49 10.81 3.64
C VAL A 168 -22.08 11.83 4.61
N LYS A 169 -23.34 11.63 5.00
CA LYS A 169 -24.05 12.63 5.81
C LYS A 169 -23.37 12.88 7.16
N LYS A 170 -23.04 11.83 7.90
CA LYS A 170 -22.32 11.99 9.17
C LYS A 170 -20.94 12.64 8.96
N LEU A 171 -20.20 12.16 7.97
CA LEU A 171 -18.88 12.73 7.70
C LEU A 171 -18.98 14.20 7.31
N HIS A 172 -19.89 14.51 6.39
CA HIS A 172 -20.12 15.88 5.93
C HIS A 172 -20.54 16.80 7.10
N GLU A 173 -21.54 16.37 7.88
CA GLU A 173 -21.98 17.06 9.10
C GLU A 173 -20.82 17.55 9.94
N ASN A 174 -19.81 16.69 10.09
CA ASN A 174 -18.62 17.00 10.89
C ASN A 174 -17.47 17.72 10.17
N ILE A 175 -17.29 17.42 8.88
CA ILE A 175 -16.10 17.90 8.17
C ILE A 175 -16.37 19.04 7.17
N GLY A 176 -17.55 19.06 6.56
CA GLY A 176 -17.94 20.19 5.70
C GLY A 176 -17.63 20.01 4.23
N ASP A 177 -17.70 21.12 3.49
CA ASP A 177 -17.69 21.11 2.03
C ASP A 177 -16.29 21.21 1.37
N ASP A 178 -15.29 21.59 2.14
CA ASP A 178 -13.92 21.70 1.63
C ASP A 178 -13.19 20.35 1.76
N PHE A 179 -13.70 19.35 1.03
CA PHE A 179 -13.35 17.94 1.22
C PHE A 179 -14.07 17.11 0.17
N LEU A 180 -13.46 16.02 -0.23
CA LEU A 180 -14.04 15.12 -1.23
C LEU A 180 -14.56 13.85 -0.58
N TYR A 181 -15.84 13.57 -0.77
CA TYR A 181 -16.39 12.30 -0.29
C TYR A 181 -16.52 11.37 -1.50
N VAL A 182 -15.59 10.42 -1.59
CA VAL A 182 -15.48 9.52 -2.74
C VAL A 182 -16.08 8.16 -2.40
N THR A 183 -17.13 7.77 -3.15
CA THR A 183 -17.99 6.64 -2.78
C THR A 183 -18.05 5.54 -3.87
N PRO A 184 -17.47 4.36 -3.59
CA PRO A 184 -17.41 3.23 -4.57
C PRO A 184 -18.58 2.25 -4.74
N GLY A 185 -19.55 2.20 -3.84
CA GLY A 185 -20.50 1.05 -3.96
C GLY A 185 -21.57 1.11 -5.04
N ILE A 186 -21.38 1.95 -6.05
CA ILE A 186 -22.52 2.49 -6.82
C ILE A 186 -22.99 1.65 -8.04
N ARG A 187 -24.29 1.34 -8.08
CA ARG A 187 -24.87 0.61 -9.21
C ARG A 187 -26.24 1.14 -9.64
N PRO A 188 -26.52 1.15 -10.95
CA PRO A 188 -27.87 1.49 -11.43
C PRO A 188 -28.95 0.52 -10.87
N ALA A 200 -27.18 1.32 -3.84
CA ALA A 200 -27.05 2.78 -3.97
C ALA A 200 -26.80 3.22 -5.43
N THR A 201 -27.75 3.99 -5.96
CA THR A 201 -27.75 4.45 -7.34
C THR A 201 -26.94 5.76 -7.51
N PRO A 202 -26.57 6.13 -8.75
CA PRO A 202 -25.94 7.44 -8.95
C PRO A 202 -26.82 8.60 -8.45
N LYS A 203 -28.14 8.49 -8.66
CA LYS A 203 -29.09 9.48 -8.18
C LYS A 203 -29.03 9.64 -6.66
N ALA A 205 -26.58 8.73 -4.70
CA ALA A 205 -25.24 9.22 -4.38
C ALA A 205 -25.18 10.74 -4.54
N LYS A 206 -25.78 11.23 -5.62
CA LYS A 206 -25.90 12.66 -5.88
C LYS A 206 -26.66 13.36 -4.74
N GLU A 207 -27.83 12.81 -4.40
CA GLU A 207 -28.69 13.39 -3.38
C GLU A 207 -28.02 13.40 -2.01
N TRP A 208 -27.22 12.37 -1.73
CA TRP A 208 -26.58 12.22 -0.44
C TRP A 208 -25.27 12.99 -0.30
N GLY A 209 -24.84 13.66 -1.37
CA GLY A 209 -23.67 14.54 -1.31
C GLY A 209 -22.31 13.93 -1.68
N SER A 210 -22.30 12.78 -2.35
CA SER A 210 -21.03 12.22 -2.86
C SER A 210 -20.33 13.21 -3.82
N SER A 211 -19.02 13.39 -3.63
CA SER A 211 -18.23 14.27 -4.51
C SER A 211 -17.84 13.56 -5.80
N ALA A 212 -17.76 12.23 -5.72
CA ALA A 212 -17.31 11.39 -6.83
C ALA A 212 -17.78 9.97 -6.57
N ILE A 213 -18.24 9.28 -7.61
CA ILE A 213 -18.59 7.86 -7.46
C ILE A 213 -17.64 7.00 -8.24
N VAL A 214 -17.36 5.81 -7.72
CA VAL A 214 -16.69 4.80 -8.53
C VAL A 214 -17.60 3.63 -8.93
N VAL A 215 -17.61 3.33 -10.22
CA VAL A 215 -18.51 2.32 -10.79
C VAL A 215 -17.63 1.30 -11.49
N GLY A 216 -17.94 0.02 -11.27
CA GLY A 216 -17.23 -1.10 -11.90
C GLY A 216 -18.03 -1.81 -12.97
N ARG A 217 -18.42 -3.05 -12.70
CA ARG A 217 -19.11 -3.93 -13.68
C ARG A 217 -20.31 -3.33 -14.40
N PRO A 218 -21.13 -2.50 -13.71
CA PRO A 218 -22.22 -1.84 -14.42
C PRO A 218 -21.77 -1.13 -15.69
N ILE A 219 -20.51 -0.73 -15.73
CA ILE A 219 -19.96 -0.09 -16.91
C ILE A 219 -19.06 -1.04 -17.72
N THR A 220 -18.09 -1.68 -17.06
CA THR A 220 -17.05 -2.41 -17.75
C THR A 220 -17.57 -3.69 -18.38
N LEU A 221 -18.70 -4.19 -17.90
CA LEU A 221 -19.33 -5.38 -18.46
C LEU A 221 -20.64 -5.05 -19.16
N ALA A 222 -20.93 -3.76 -19.34
CA ALA A 222 -22.12 -3.37 -20.12
C ALA A 222 -21.89 -3.76 -21.56
N SER A 223 -22.98 -4.01 -22.28
CA SER A 223 -22.91 -4.30 -23.72
C SER A 223 -22.43 -3.10 -24.52
N ASP A 224 -22.75 -1.90 -24.03
CA ASP A 224 -22.23 -0.63 -24.56
C ASP A 224 -21.62 0.14 -23.38
N PRO A 225 -20.31 -0.10 -23.08
CA PRO A 225 -19.74 0.58 -21.92
C PRO A 225 -19.73 2.11 -22.00
N LYS A 226 -19.50 2.67 -23.18
CA LYS A 226 -19.48 4.10 -23.35
C LYS A 226 -20.84 4.73 -23.00
N ALA A 227 -21.92 4.15 -23.55
CA ALA A 227 -23.25 4.66 -23.28
C ALA A 227 -23.68 4.43 -21.82
N ALA A 228 -23.23 3.33 -21.21
CA ALA A 228 -23.51 3.11 -19.80
C ALA A 228 -22.80 4.14 -18.93
N TYR A 229 -21.59 4.54 -19.34
CA TYR A 229 -20.75 5.51 -18.63
C TYR A 229 -21.38 6.90 -18.72
N GLU A 230 -21.75 7.30 -19.93
CA GLU A 230 -22.33 8.61 -20.19
C GLU A 230 -23.67 8.76 -19.48
N ALA A 231 -24.48 7.69 -19.49
CA ALA A 231 -25.76 7.70 -18.76
C ALA A 231 -25.57 7.86 -17.24
N ILE A 232 -24.52 7.26 -16.70
CA ILE A 232 -24.26 7.39 -15.28
C ILE A 232 -23.72 8.78 -14.91
N LYS A 233 -22.84 9.33 -15.74
CA LYS A 233 -22.34 10.71 -15.57
C LYS A 233 -23.51 11.67 -15.52
N LYS A 234 -24.44 11.47 -16.45
CA LYS A 234 -25.62 12.30 -16.58
C LYS A 234 -26.49 12.19 -15.32
N GLU A 235 -26.79 10.97 -14.89
CA GLU A 235 -27.61 10.77 -13.69
C GLU A 235 -26.96 11.39 -12.47
N PHE A 236 -25.67 11.16 -12.30
CA PHE A 236 -24.93 11.64 -11.14
C PHE A 236 -24.88 13.17 -11.08
N ASN A 237 -24.90 13.81 -12.25
CA ASN A 237 -24.78 15.26 -12.35
C ASN A 237 -26.09 15.99 -12.66
N ALA A 238 -27.24 15.30 -12.47
CA ALA A 238 -28.55 15.90 -12.67
C ALA A 238 -28.96 16.77 -11.47
N GLU A 239 -28.31 17.92 -11.35
CA GLU A 239 -28.51 18.82 -10.21
C GLU A 239 -29.92 19.41 -10.16
N ASN A 240 -30.48 19.69 -11.34
CA ASN A 240 -31.83 20.21 -11.42
C ASN A 240 -32.68 19.22 -12.21
N LEU A 241 -32.82 18.02 -11.65
CA LEU A 241 -33.49 16.92 -12.31
C LEU A 241 -34.97 17.25 -12.51
N TYR A 242 -35.58 17.82 -11.47
CA TYR A 242 -36.99 18.12 -11.48
C TYR A 242 -37.25 19.62 -11.42
N PHE A 243 -38.38 20.06 -11.95
CA PHE A 243 -38.78 21.45 -11.82
C PHE A 243 -39.35 21.68 -10.43
N GLN A 244 -38.95 22.79 -9.82
CA GLN A 244 -39.44 23.21 -8.50
C GLN A 244 -39.62 24.73 -8.43
N SER A 245 -40.80 25.17 -8.05
CA SER A 245 -40.95 26.56 -7.59
C SER A 245 -42.16 26.71 -6.67
N ASP B 4 23.28 -20.72 9.35
CA ASP B 4 23.63 -19.33 8.92
C ASP B 4 22.39 -18.48 8.59
N ARG B 5 22.12 -17.49 9.43
CA ARG B 5 20.95 -16.62 9.22
C ARG B 5 21.31 -15.38 8.40
N PRO B 6 20.37 -14.92 7.52
CA PRO B 6 20.65 -13.86 6.56
C PRO B 6 20.75 -12.46 7.16
N VAL B 7 21.62 -11.65 6.56
CA VAL B 7 21.69 -10.22 6.84
C VAL B 7 21.14 -9.53 5.60
N ILE B 8 20.16 -8.65 5.81
CA ILE B 8 19.51 -7.94 4.71
C ILE B 8 19.89 -6.46 4.80
N VAL B 9 20.36 -5.90 3.69
CA VAL B 9 20.73 -4.50 3.69
C VAL B 9 19.52 -3.65 3.35
N ALA B 10 19.09 -2.80 4.28
CA ALA B 10 18.00 -1.85 4.03
C ALA B 10 18.48 -0.70 3.11
N LEU B 11 17.83 -0.56 1.96
CA LEU B 11 18.20 0.51 1.03
C LEU B 11 17.17 1.64 1.04
N ASP B 12 17.66 2.85 0.95
CA ASP B 12 16.80 4.03 0.96
C ASP B 12 17.21 4.89 -0.22
N LEU B 13 16.58 4.63 -1.34
CA LEU B 13 16.96 5.32 -2.55
C LEU B 13 15.77 5.42 -3.46
N ASP B 14 15.80 6.34 -4.41
CA ASP B 14 14.62 6.56 -5.20
C ASP B 14 14.78 6.38 -6.70
N ASN B 15 15.90 5.80 -7.14
CA ASN B 15 16.01 5.44 -8.55
C ASN B 15 16.87 4.21 -8.85
N GLU B 16 16.63 3.62 -10.03
CA GLU B 16 17.37 2.46 -10.50
C GLU B 16 18.89 2.68 -10.52
N GLU B 17 19.31 3.89 -10.91
CA GLU B 17 20.73 4.21 -10.98
C GLU B 17 21.40 4.09 -9.62
N GLN B 18 20.82 4.71 -8.59
CA GLN B 18 21.33 4.62 -7.21
C GLN B 18 21.36 3.16 -6.72
N LEU B 19 20.30 2.41 -7.08
CA LEU B 19 20.18 1.02 -6.72
C LEU B 19 21.31 0.16 -7.30
N ASN B 20 21.55 0.30 -8.59
CA ASN B 20 22.64 -0.39 -9.27
C ASN B 20 24.02 -0.08 -8.65
N LYS B 21 24.19 1.17 -8.23
CA LYS B 21 25.46 1.66 -7.68
C LYS B 21 25.77 1.00 -6.32
N ILE B 22 24.83 1.02 -5.39
CA ILE B 22 25.05 0.36 -4.11
C ILE B 22 25.21 -1.17 -4.26
N LEU B 23 24.35 -1.78 -5.09
CA LEU B 23 24.48 -3.20 -5.35
C LEU B 23 25.86 -3.58 -5.88
N SER B 24 26.42 -2.75 -6.78
CA SER B 24 27.79 -2.95 -7.29
C SER B 24 28.87 -2.89 -6.18
N LYS B 25 28.52 -2.28 -5.06
CA LYS B 25 29.43 -2.13 -3.93
C LYS B 25 29.22 -3.17 -2.84
N LEU B 26 28.21 -4.03 -2.99
CA LEU B 26 27.86 -4.96 -1.91
C LEU B 26 28.41 -6.37 -2.07
N GLY B 27 28.75 -6.75 -3.29
CA GLY B 27 29.36 -8.07 -3.55
C GLY B 27 28.74 -8.81 -4.72
N ASP B 28 29.03 -10.10 -4.82
CA ASP B 28 28.44 -10.93 -5.89
C ASP B 28 26.94 -11.08 -5.60
N PRO B 29 26.10 -11.10 -6.67
CA PRO B 29 24.64 -11.14 -6.53
C PRO B 29 24.09 -12.20 -5.57
N HIS B 30 24.61 -13.43 -5.66
CA HIS B 30 24.20 -14.53 -4.78
C HIS B 30 24.43 -14.22 -3.30
N ASP B 31 25.37 -13.33 -3.02
CA ASP B 31 25.74 -12.97 -1.64
C ASP B 31 25.00 -11.76 -1.07
N VAL B 32 24.10 -11.20 -1.88
CA VAL B 32 23.54 -9.91 -1.55
C VAL B 32 22.03 -9.97 -1.39
N PHE B 33 21.58 -9.67 -0.17
CA PHE B 33 20.17 -9.66 0.18
C PHE B 33 19.82 -8.23 0.59
N VAL B 34 18.95 -7.57 -0.18
CA VAL B 34 18.57 -6.18 0.07
C VAL B 34 17.07 -5.98 0.28
N LYS B 35 16.72 -4.93 1.01
CA LYS B 35 15.35 -4.51 1.20
C LYS B 35 15.10 -3.20 0.47
N VAL B 36 14.08 -3.19 -0.38
CA VAL B 36 13.63 -1.97 -1.03
C VAL B 36 12.12 -1.81 -0.80
N GLY B 37 11.68 -0.57 -0.64
CA GLY B 37 10.29 -0.25 -0.38
C GLY B 37 9.71 0.52 -1.54
N GLU B 39 9.50 3.78 -2.11
CA GLU B 39 10.31 4.90 -2.61
C GLU B 39 11.10 4.51 -3.87
N LEU B 40 11.55 3.26 -3.94
CA LEU B 40 12.18 2.76 -5.16
C LEU B 40 11.18 2.13 -6.13
N PHE B 41 10.40 1.15 -5.66
CA PHE B 41 9.46 0.41 -6.50
C PHE B 41 8.50 1.31 -7.32
N TYR B 42 8.08 2.45 -6.74
CA TYR B 42 7.10 3.33 -7.41
C TYR B 42 7.78 4.33 -8.35
N ASN B 43 9.11 4.28 -8.39
CA ASN B 43 9.92 5.18 -9.20
C ASN B 43 10.66 4.51 -10.36
N ALA B 44 10.52 3.19 -10.46
CA ALA B 44 11.33 2.40 -11.40
C ALA B 44 10.44 1.51 -12.24
N GLY B 45 10.93 1.16 -13.43
CA GLY B 45 10.24 0.26 -14.36
C GLY B 45 9.92 -1.08 -13.72
N ILE B 46 8.79 -1.66 -14.09
CA ILE B 46 8.30 -2.89 -13.46
C ILE B 46 9.29 -4.06 -13.55
N ASP B 47 10.14 -4.01 -14.56
CA ASP B 47 11.08 -5.08 -14.81
C ASP B 47 12.41 -4.91 -14.03
N VAL B 48 12.56 -3.79 -13.33
CA VAL B 48 13.79 -3.56 -12.52
C VAL B 48 14.06 -4.67 -11.49
N ILE B 49 13.08 -5.00 -10.67
CA ILE B 49 13.23 -6.06 -9.65
C ILE B 49 13.47 -7.44 -10.28
N LYS B 50 12.72 -7.75 -11.33
CA LYS B 50 12.84 -9.04 -12.01
C LYS B 50 14.23 -9.26 -12.59
N LYS B 51 14.78 -8.22 -13.22
CA LYS B 51 16.14 -8.26 -13.79
C LYS B 51 17.19 -8.53 -12.73
N LEU B 52 17.06 -7.87 -11.57
CA LEU B 52 17.93 -8.10 -10.44
C LEU B 52 17.81 -9.50 -9.87
N THR B 53 16.59 -10.00 -9.71
CA THR B 53 16.45 -11.35 -9.13
C THR B 53 16.94 -12.43 -10.10
N GLN B 54 16.80 -12.20 -11.40
CA GLN B 54 17.43 -13.06 -12.42
C GLN B 54 18.94 -13.21 -12.21
N GLN B 55 19.60 -12.11 -11.85
CA GLN B 55 21.04 -12.15 -11.60
C GLN B 55 21.41 -12.90 -10.33
N GLY B 56 20.46 -13.12 -9.43
CA GLY B 56 20.77 -13.84 -8.19
C GLY B 56 20.67 -13.03 -6.90
N TYR B 57 20.53 -11.70 -7.03
CA TYR B 57 20.20 -10.85 -5.89
C TYR B 57 18.95 -11.35 -5.20
N LYS B 58 18.98 -11.42 -3.87
CA LYS B 58 17.77 -11.68 -3.10
C LYS B 58 17.15 -10.33 -2.69
N ILE B 59 15.84 -10.22 -2.86
CA ILE B 59 15.13 -8.96 -2.62
C ILE B 59 13.99 -9.12 -1.61
N PHE B 60 14.04 -8.28 -0.59
CA PHE B 60 12.94 -8.11 0.35
C PHE B 60 12.21 -6.87 -0.17
N LEU B 61 11.11 -7.11 -0.88
CA LEU B 61 10.33 -6.03 -1.47
C LEU B 61 9.27 -5.63 -0.44
N ASP B 62 9.48 -4.47 0.17
CA ASP B 62 8.80 -4.08 1.41
C ASP B 62 7.72 -3.03 1.11
N LEU B 63 6.54 -3.50 0.67
CA LEU B 63 5.45 -2.58 0.29
C LEU B 63 4.26 -2.56 1.25
N LYS B 64 4.30 -3.36 2.31
CA LYS B 64 3.31 -3.33 3.37
C LYS B 64 1.88 -3.22 2.79
N HIS B 66 -1.86 -3.35 2.21
CA HIS B 66 -2.97 -3.17 3.12
C HIS B 66 -4.20 -2.79 2.32
N ASP B 67 -4.93 -3.81 1.89
CA ASP B 67 -6.17 -3.63 1.14
C ASP B 67 -7.15 -4.81 1.45
N ILE B 68 -8.29 -4.83 0.76
CA ILE B 68 -9.24 -5.94 0.86
C ILE B 68 -8.59 -7.25 0.37
N PRO B 69 -8.99 -8.41 0.93
CA PRO B 69 -8.30 -9.68 0.65
C PRO B 69 -8.10 -9.99 -0.83
N ASN B 70 -9.15 -9.83 -1.63
CA ASN B 70 -9.06 -10.15 -3.06
C ASN B 70 -8.05 -9.29 -3.81
N THR B 71 -7.98 -8.01 -3.47
CA THR B 71 -7.01 -7.12 -4.09
C THR B 71 -5.57 -7.48 -3.67
N VAL B 72 -5.39 -7.88 -2.42
CA VAL B 72 -4.08 -8.29 -1.91
C VAL B 72 -3.65 -9.67 -2.48
N TYR B 73 -4.60 -10.59 -2.68
CA TYR B 73 -4.33 -11.81 -3.45
C TYR B 73 -3.62 -11.44 -4.75
N ASN B 74 -4.23 -10.51 -5.48
CA ASN B 74 -3.76 -10.17 -6.80
C ASN B 74 -2.46 -9.34 -6.80
N GLY B 75 -2.35 -8.46 -5.82
CA GLY B 75 -1.11 -7.69 -5.63
C GLY B 75 0.04 -8.61 -5.31
N ALA B 76 -0.14 -9.46 -4.29
CA ALA B 76 0.86 -10.44 -3.89
C ALA B 76 1.26 -11.34 -5.06
N LYS B 77 0.26 -11.81 -5.82
CA LYS B 77 0.49 -12.66 -6.99
C LYS B 77 1.41 -11.96 -8.00
N ALA B 78 1.11 -10.70 -8.29
CA ALA B 78 1.95 -9.89 -9.17
C ALA B 78 3.40 -9.74 -8.65
N LEU B 79 3.57 -9.55 -7.34
CA LEU B 79 4.90 -9.43 -6.74
C LEU B 79 5.69 -10.72 -6.84
N ALA B 80 5.01 -11.85 -6.60
CA ALA B 80 5.67 -13.14 -6.57
C ALA B 80 6.27 -13.43 -7.92
N LYS B 81 5.64 -12.95 -9.00
CA LYS B 81 6.23 -13.20 -10.30
C LYS B 81 7.51 -12.40 -10.58
N LEU B 82 7.88 -11.51 -9.67
CA LEU B 82 9.14 -10.75 -9.81
C LEU B 82 10.38 -11.53 -9.34
N GLY B 83 10.16 -12.64 -8.67
CA GLY B 83 11.25 -13.48 -8.15
C GLY B 83 11.79 -13.08 -6.79
N ILE B 84 10.99 -12.32 -6.03
CA ILE B 84 11.38 -11.81 -4.71
C ILE B 84 11.45 -12.88 -3.64
N THR B 85 12.12 -12.58 -2.52
CA THR B 85 12.31 -13.54 -1.45
C THR B 85 11.42 -13.31 -0.22
N PHE B 86 11.34 -12.06 0.24
CA PHE B 86 10.46 -11.65 1.34
C PHE B 86 9.51 -10.52 0.84
N THR B 87 8.32 -10.41 1.44
CA THR B 87 7.41 -9.30 1.18
C THR B 87 6.51 -9.11 2.41
N THR B 88 5.99 -7.90 2.59
CA THR B 88 5.24 -7.56 3.79
C THR B 88 3.78 -7.23 3.54
N VAL B 89 2.95 -7.47 4.55
CA VAL B 89 1.56 -7.01 4.55
C VAL B 89 1.31 -6.41 5.94
N HIS B 90 0.30 -5.55 6.06
CA HIS B 90 -0.11 -5.07 7.37
C HIS B 90 -1.00 -6.10 8.07
N ALA B 91 -0.65 -6.51 9.29
CA ALA B 91 -1.51 -7.42 10.06
C ALA B 91 -2.86 -6.73 10.38
N LEU B 92 -2.81 -5.39 10.41
CA LEU B 92 -3.99 -4.57 10.66
C LEU B 92 -5.09 -4.78 9.62
N GLY B 93 -4.73 -5.32 8.46
CA GLY B 93 -5.70 -5.62 7.40
C GLY B 93 -6.49 -6.89 7.68
N GLY B 94 -6.05 -7.65 8.68
CA GLY B 94 -6.83 -8.78 9.17
C GLY B 94 -6.47 -10.15 8.62
N SER B 95 -6.99 -11.16 9.30
CA SER B 95 -6.75 -12.58 9.04
C SER B 95 -7.02 -13.06 7.62
N GLN B 96 -8.18 -12.72 7.07
CA GLN B 96 -8.52 -13.15 5.71
C GLN B 96 -7.58 -12.54 4.66
N ILE B 98 -4.47 -11.59 5.07
CA ILE B 98 -3.20 -12.29 5.22
C ILE B 98 -3.23 -13.63 4.47
N LYS B 99 -4.30 -14.40 4.66
CA LYS B 99 -4.45 -15.69 3.99
C LYS B 99 -4.49 -15.54 2.49
N SER B 100 -5.26 -14.57 2.00
CA SER B 100 -5.32 -14.31 0.57
C SER B 100 -3.97 -13.86 0.06
N ALA B 101 -3.21 -13.15 0.89
CA ALA B 101 -1.87 -12.71 0.50
C ALA B 101 -0.99 -13.92 0.21
N LYS B 102 -0.97 -14.89 1.14
CA LYS B 102 -0.20 -16.12 0.94
C LYS B 102 -0.69 -16.92 -0.28
N ASP B 103 -2.00 -17.10 -0.42
CA ASP B 103 -2.57 -17.76 -1.61
C ASP B 103 -2.13 -17.07 -2.88
N GLY B 104 -2.10 -15.74 -2.85
CA GLY B 104 -1.66 -14.96 -4.01
C GLY B 104 -0.20 -15.19 -4.34
N LEU B 105 0.66 -15.14 -3.31
CA LEU B 105 2.10 -15.42 -3.44
C LEU B 105 2.34 -16.80 -4.09
N ILE B 106 1.67 -17.81 -3.55
CA ILE B 106 1.68 -19.15 -4.13
C ILE B 106 1.30 -19.13 -5.61
N ALA B 107 0.23 -18.42 -5.95
CA ALA B 107 -0.29 -18.37 -7.33
C ALA B 107 0.63 -17.70 -8.34
N GLY B 108 1.39 -16.70 -7.91
CA GLY B 108 2.27 -15.97 -8.82
C GLY B 108 3.71 -16.44 -8.86
N THR B 109 4.09 -17.33 -7.95
CA THR B 109 5.45 -17.89 -7.94
C THR B 109 5.71 -18.73 -9.20
N PRO B 110 6.67 -18.28 -10.04
CA PRO B 110 6.98 -18.97 -11.29
C PRO B 110 7.65 -20.31 -11.04
N ALA B 111 7.42 -21.25 -11.95
CA ALA B 111 8.00 -22.60 -11.90
C ALA B 111 9.45 -22.60 -11.41
N GLY B 112 9.74 -23.47 -10.45
CA GLY B 112 11.11 -23.69 -9.97
C GLY B 112 11.66 -22.58 -9.10
N HIS B 113 10.74 -21.81 -8.49
CA HIS B 113 11.11 -20.75 -7.56
C HIS B 113 10.54 -21.09 -6.21
N SER B 114 11.23 -20.62 -5.17
CA SER B 114 10.66 -20.61 -3.83
C SER B 114 9.55 -19.55 -3.75
N VAL B 115 8.45 -19.90 -3.10
CA VAL B 115 7.37 -18.96 -2.82
C VAL B 115 7.93 -17.90 -1.88
N PRO B 116 7.72 -16.60 -2.20
CA PRO B 116 8.22 -15.58 -1.29
C PRO B 116 7.66 -15.77 0.09
N LYS B 117 8.44 -15.42 1.10
CA LYS B 117 7.98 -15.51 2.46
C LYS B 117 7.12 -14.29 2.75
N LEU B 118 5.99 -14.53 3.43
CA LEU B 118 5.04 -13.48 3.76
C LEU B 118 5.26 -13.02 5.18
N LEU B 119 5.69 -11.77 5.32
CA LEU B 119 5.94 -11.19 6.64
C LEU B 119 4.92 -10.14 7.01
N ALA B 120 4.40 -10.26 8.22
CA ALA B 120 3.44 -9.27 8.68
C ALA B 120 4.11 -8.14 9.46
N VAL B 121 3.66 -6.92 9.17
CA VAL B 121 4.00 -5.76 9.96
C VAL B 121 2.94 -5.62 11.05
N THR B 122 3.32 -5.21 12.25
CA THR B 122 2.34 -5.07 13.32
C THR B 122 2.00 -3.61 13.55
N GLU B 123 2.73 -2.96 14.45
CA GLU B 123 2.66 -1.52 14.61
C GLU B 123 3.95 -0.88 14.12
N LEU B 124 3.82 -0.03 13.10
CA LEU B 124 4.97 0.68 12.52
C LEU B 124 5.72 1.45 13.59
N THR B 125 7.02 1.64 13.37
CA THR B 125 7.88 2.34 14.34
C THR B 125 7.51 3.82 14.47
N SER B 126 6.77 4.31 13.48
CA SER B 126 6.26 5.69 13.46
C SER B 126 5.06 5.85 14.40
N ILE B 127 4.56 4.73 14.93
CA ILE B 127 3.42 4.75 15.84
C ILE B 127 3.92 4.80 17.30
N SER B 128 3.89 6.00 17.89
CA SER B 128 4.18 6.18 19.31
C SER B 128 3.05 5.65 20.20
N ASP B 129 3.23 5.68 21.51
CA ASP B 129 2.15 5.29 22.44
C ASP B 129 0.94 6.22 22.30
N ASP B 130 1.20 7.50 22.13
CA ASP B 130 0.14 8.51 21.98
C ASP B 130 -0.67 8.30 20.69
N VAL B 131 0.02 8.06 19.58
CA VAL B 131 -0.62 7.80 18.30
C VAL B 131 -1.46 6.52 18.33
N LEU B 132 -0.90 5.46 18.90
CA LEU B 132 -1.64 4.21 19.08
C LEU B 132 -2.97 4.43 19.83
N ARG B 133 -2.93 5.27 20.85
CA ARG B 133 -4.11 5.54 21.67
C ARG B 133 -5.07 6.57 21.04
N ASN B 134 -4.52 7.72 20.60
CA ASN B 134 -5.32 8.89 20.23
C ASN B 134 -5.58 9.08 18.74
N GLU B 135 -4.79 8.42 17.89
CA GLU B 135 -4.95 8.52 16.43
C GLU B 135 -5.49 7.21 15.87
N GLN B 136 -4.72 6.15 16.03
CA GLN B 136 -5.25 4.82 15.91
C GLN B 136 -6.03 4.76 17.22
N ASN B 137 -7.27 4.28 17.22
CA ASN B 137 -7.94 4.25 18.50
C ASN B 137 -7.92 2.85 19.09
N CYS B 138 -6.70 2.37 19.36
CA CYS B 138 -6.49 1.02 19.89
C CYS B 138 -6.91 0.93 21.35
N ARG B 139 -7.50 -0.22 21.72
CA ARG B 139 -7.90 -0.46 23.11
C ARG B 139 -6.75 -0.91 24.01
N LEU B 140 -5.66 -1.37 23.40
CA LEU B 140 -4.56 -2.00 24.12
C LEU B 140 -3.31 -1.14 24.12
N PRO B 141 -2.42 -1.34 25.12
CA PRO B 141 -1.08 -0.74 25.02
C PRO B 141 -0.18 -1.48 24.01
N ALA B 143 2.76 -3.24 23.81
CA ALA B 143 3.30 -4.60 23.95
C ALA B 143 2.24 -5.67 23.70
N GLU B 144 1.01 -5.35 24.07
CA GLU B 144 -0.13 -6.26 23.89
C GLU B 144 -0.70 -6.25 22.48
N GLN B 145 -0.78 -5.06 21.87
CA GLN B 145 -1.23 -4.93 20.48
C GLN B 145 -0.34 -5.76 19.56
N VAL B 146 0.97 -5.60 19.76
CA VAL B 146 1.97 -6.22 18.90
C VAL B 146 1.93 -7.73 18.98
N LEU B 147 1.89 -8.27 20.19
CA LEU B 147 1.83 -9.72 20.40
C LEU B 147 0.55 -10.30 19.79
N SER B 148 -0.58 -9.61 19.97
CA SER B 148 -1.87 -10.00 19.37
C SER B 148 -1.78 -10.18 17.86
N LEU B 149 -1.30 -9.13 17.18
CA LEU B 149 -1.19 -9.13 15.73
C LEU B 149 -0.24 -10.20 15.23
N ALA B 150 0.90 -10.34 15.90
CA ALA B 150 1.92 -11.30 15.48
C ALA B 150 1.39 -12.73 15.61
N LYS B 151 0.79 -13.05 16.75
CA LYS B 151 0.11 -14.36 16.93
C LYS B 151 -0.91 -14.63 15.83
N ALA B 153 -1.17 -13.29 12.88
CA ALA B 153 -0.46 -13.42 11.61
C ALA B 153 0.04 -14.84 11.42
N LYS B 154 0.68 -15.37 12.47
CA LYS B 154 1.13 -16.76 12.51
C LYS B 154 -0.04 -17.74 12.30
N HIS B 155 -1.16 -17.51 12.97
CA HIS B 155 -2.34 -18.39 12.80
C HIS B 155 -2.91 -18.34 11.37
N SER B 156 -2.74 -17.21 10.69
CA SER B 156 -3.40 -16.99 9.39
C SER B 156 -2.57 -17.34 8.16
N GLY B 157 -1.34 -17.82 8.33
CA GLY B 157 -0.48 -18.16 7.18
C GLY B 157 0.68 -17.21 6.87
N ALA B 158 0.97 -16.26 7.76
CA ALA B 158 2.19 -15.49 7.60
C ALA B 158 3.37 -16.37 7.98
N ASP B 159 4.47 -16.25 7.26
CA ASP B 159 5.71 -16.96 7.57
C ASP B 159 6.55 -16.31 8.63
N GLY B 160 6.29 -15.03 8.90
CA GLY B 160 7.04 -14.33 9.93
C GLY B 160 6.48 -12.96 10.23
N VAL B 161 7.23 -12.21 11.02
CA VAL B 161 6.83 -10.88 11.46
C VAL B 161 8.07 -9.98 11.44
N ILE B 162 7.86 -8.69 11.19
CA ILE B 162 8.86 -7.67 11.41
C ILE B 162 8.71 -7.21 12.86
N CYS B 163 9.76 -7.33 13.65
CA CYS B 163 9.67 -6.97 15.05
C CYS B 163 10.98 -6.35 15.55
N SER B 164 10.89 -5.56 16.62
CA SER B 164 12.07 -4.97 17.23
C SER B 164 12.96 -6.06 17.80
N PRO B 165 14.29 -5.85 17.74
CA PRO B 165 15.20 -6.78 18.42
C PRO B 165 14.87 -6.96 19.91
N LEU B 166 14.28 -5.96 20.56
CA LEU B 166 13.98 -6.08 21.99
C LEU B 166 12.63 -6.74 22.28
N GLU B 167 11.92 -7.18 21.22
CA GLU B 167 10.65 -7.89 21.34
C GLU B 167 10.83 -9.35 20.96
N VAL B 168 11.86 -9.64 20.17
CA VAL B 168 12.03 -11.01 19.64
C VAL B 168 12.01 -12.05 20.73
N LYS B 169 12.64 -11.76 21.88
CA LYS B 169 12.70 -12.75 22.96
C LYS B 169 11.31 -13.24 23.23
N LYS B 170 10.47 -12.31 23.72
CA LYS B 170 9.12 -12.63 24.20
C LYS B 170 8.15 -13.01 23.09
N LEU B 171 8.30 -12.44 21.90
CA LEU B 171 7.45 -12.89 20.79
C LEU B 171 7.77 -14.34 20.50
N HIS B 172 9.08 -14.62 20.45
CA HIS B 172 9.62 -15.92 20.08
C HIS B 172 9.14 -16.97 21.07
N GLU B 173 9.10 -16.60 22.34
CA GLU B 173 8.56 -17.46 23.40
C GLU B 173 7.14 -17.90 23.08
N ASN B 174 6.27 -16.92 22.80
CA ASN B 174 4.86 -17.17 22.56
C ASN B 174 4.57 -18.06 21.36
N ILE B 175 5.15 -17.70 20.22
CA ILE B 175 4.73 -18.22 18.92
C ILE B 175 5.51 -19.46 18.51
N GLY B 176 6.74 -19.59 19.01
CA GLY B 176 7.52 -20.78 18.71
C GLY B 176 8.45 -20.64 17.52
N ASP B 177 9.10 -21.74 17.18
CA ASP B 177 10.25 -21.78 16.29
C ASP B 177 9.87 -21.80 14.82
N ASP B 178 8.59 -22.09 14.58
CA ASP B 178 8.05 -22.25 13.23
C ASP B 178 7.55 -20.91 12.68
N PHE B 179 8.48 -19.97 12.54
CA PHE B 179 8.14 -18.58 12.22
C PHE B 179 9.44 -17.82 12.06
N LEU B 180 9.43 -16.79 11.22
CA LEU B 180 10.62 -15.94 11.04
C LEU B 180 10.44 -14.64 11.78
N TYR B 181 11.39 -14.33 12.66
CA TYR B 181 11.38 -13.09 13.40
C TYR B 181 12.42 -12.16 12.78
N VAL B 182 11.95 -11.20 11.98
CA VAL B 182 12.85 -10.38 11.17
C VAL B 182 13.02 -9.01 11.84
N THR B 183 14.23 -8.75 12.33
CA THR B 183 14.48 -7.62 13.21
C THR B 183 15.34 -6.54 12.53
N PRO B 184 14.74 -5.37 12.27
CA PRO B 184 15.52 -4.23 11.75
C PRO B 184 16.03 -3.35 12.89
N GLY B 185 16.79 -2.31 12.56
CA GLY B 185 17.33 -1.44 13.60
C GLY B 185 18.49 -2.08 14.32
N ILE B 186 19.30 -2.84 13.60
CA ILE B 186 20.50 -3.45 14.17
C ILE B 186 21.71 -2.58 13.80
N ARG B 187 22.54 -2.28 14.81
CA ARG B 187 23.81 -1.56 14.63
C ARG B 187 24.93 -2.29 15.34
N PRO B 188 26.11 -2.37 14.72
CA PRO B 188 27.27 -2.89 15.43
C PRO B 188 27.76 -1.87 16.48
N ALA B 200 21.45 -2.49 20.14
CA ALA B 200 21.11 -3.80 19.53
C ALA B 200 22.08 -4.26 18.43
N THR B 201 23.08 -5.06 18.82
CA THR B 201 24.12 -5.52 17.87
C THR B 201 23.68 -6.83 17.16
N PRO B 202 24.36 -7.20 16.06
CA PRO B 202 24.06 -8.48 15.41
C PRO B 202 24.16 -9.70 16.35
N LYS B 203 25.17 -9.71 17.21
CA LYS B 203 25.33 -10.83 18.16
C LYS B 203 24.19 -10.91 19.16
N ALA B 205 21.13 -9.76 18.63
CA ALA B 205 19.96 -10.19 17.87
C ALA B 205 19.93 -11.71 17.70
N LYS B 206 21.11 -12.31 17.47
CA LYS B 206 21.21 -13.77 17.35
C LYS B 206 20.78 -14.44 18.63
N GLU B 207 21.33 -13.97 19.75
CA GLU B 207 21.08 -14.55 21.05
C GLU B 207 19.63 -14.40 21.50
N TRP B 208 18.99 -13.31 21.06
CA TRP B 208 17.60 -13.05 21.42
C TRP B 208 16.59 -13.72 20.48
N GLY B 209 17.06 -14.38 19.43
CA GLY B 209 16.18 -15.18 18.61
C GLY B 209 15.87 -14.70 17.21
N SER B 210 16.54 -13.65 16.74
CA SER B 210 16.28 -13.13 15.40
C SER B 210 16.57 -14.17 14.31
N SER B 211 15.65 -14.30 13.34
CA SER B 211 15.84 -15.19 12.17
C SER B 211 16.59 -14.51 11.04
N ALA B 212 16.57 -13.18 11.03
CA ALA B 212 17.22 -12.38 10.00
C ALA B 212 17.32 -10.95 10.51
N ILE B 213 18.45 -10.30 10.26
CA ILE B 213 18.60 -8.91 10.65
C ILE B 213 18.58 -8.03 9.44
N VAL B 214 17.99 -6.85 9.61
CA VAL B 214 17.95 -5.84 8.57
C VAL B 214 18.82 -4.69 9.09
N VAL B 215 19.82 -4.34 8.30
CA VAL B 215 20.81 -3.35 8.67
C VAL B 215 20.87 -2.29 7.57
N GLY B 216 20.84 -1.02 7.95
CA GLY B 216 20.91 0.07 6.98
C GLY B 216 22.26 0.76 6.90
N ARG B 217 22.26 2.01 7.37
CA ARG B 217 23.37 2.97 7.25
C ARG B 217 24.75 2.48 7.69
N PRO B 218 24.82 1.63 8.74
CA PRO B 218 26.13 1.08 9.13
C PRO B 218 26.85 0.36 8.00
N ILE B 219 26.08 -0.20 7.06
CA ILE B 219 26.60 -0.76 5.84
C ILE B 219 26.55 0.23 4.66
N THR B 220 25.37 0.78 4.37
CA THR B 220 25.16 1.56 3.14
C THR B 220 26.00 2.83 3.12
N LEU B 221 26.26 3.39 4.30
CA LEU B 221 27.06 4.60 4.42
C LEU B 221 28.52 4.32 4.75
N ALA B 222 28.90 3.05 4.76
CA ALA B 222 30.27 2.66 5.10
C ALA B 222 31.27 3.05 4.02
N SER B 223 32.51 3.20 4.44
CA SER B 223 33.64 3.41 3.53
C SER B 223 33.68 2.33 2.44
N ASP B 224 33.49 1.07 2.83
CA ASP B 224 33.43 -0.05 1.90
C ASP B 224 32.20 -0.89 2.30
N PRO B 225 31.06 -0.65 1.64
CA PRO B 225 29.82 -1.36 1.99
C PRO B 225 29.97 -2.88 2.01
N LYS B 226 30.72 -3.42 1.04
CA LYS B 226 30.98 -4.86 0.97
C LYS B 226 31.65 -5.37 2.24
N ALA B 227 32.77 -4.75 2.64
CA ALA B 227 33.49 -5.18 3.86
C ALA B 227 32.61 -5.09 5.12
N ALA B 228 31.83 -4.02 5.22
CA ALA B 228 30.90 -3.83 6.32
C ALA B 228 29.84 -4.95 6.34
N TYR B 229 29.21 -5.18 5.19
CA TYR B 229 28.20 -6.21 5.02
C TYR B 229 28.74 -7.60 5.39
N GLU B 230 29.90 -7.96 4.86
CA GLU B 230 30.53 -9.25 5.19
C GLU B 230 30.89 -9.40 6.67
N ALA B 231 31.40 -8.34 7.27
CA ALA B 231 31.71 -8.37 8.72
C ALA B 231 30.45 -8.52 9.59
N ILE B 232 29.35 -7.88 9.20
CA ILE B 232 28.10 -8.04 9.98
C ILE B 232 27.59 -9.48 9.90
N LYS B 233 27.64 -10.07 8.71
CA LYS B 233 27.24 -11.47 8.56
C LYS B 233 27.94 -12.35 9.61
N LYS B 234 29.27 -12.19 9.71
CA LYS B 234 30.07 -12.94 10.65
C LYS B 234 29.77 -12.61 12.12
N GLU B 235 29.51 -11.34 12.44
CA GLU B 235 29.08 -10.99 13.80
C GLU B 235 27.72 -11.64 14.13
N PHE B 236 26.88 -11.83 13.11
CA PHE B 236 25.55 -12.40 13.29
C PHE B 236 25.58 -13.92 13.39
N ASN B 237 26.56 -14.56 12.75
CA ASN B 237 26.55 -16.00 12.65
C ASN B 237 27.64 -16.75 13.44
N ALA B 238 28.49 -16.02 14.14
CA ALA B 238 29.60 -16.62 14.89
C ALA B 238 29.12 -17.48 16.07
#